data_7ROL
# 
_entry.id   7ROL 
# 
_audit_conform.dict_name       mmcif_pdbx.dic 
_audit_conform.dict_version    5.355 
_audit_conform.dict_location   http://mmcif.pdb.org/dictionaries/ascii/mmcif_pdbx.dic 
# 
loop_
_database_2.database_id 
_database_2.database_code 
_database_2.pdbx_database_accession 
_database_2.pdbx_DOI 
PDB   7ROL         pdb_00007rol 10.2210/pdb7rol/pdb 
WWPDB D_1000258687 ?            ?                   
# 
_pdbx_database_related.db_name        PDB 
_pdbx_database_related.details        'native sequence' 
_pdbx_database_related.db_id          7ROJ 
_pdbx_database_related.content_type   unspecified 
# 
_pdbx_database_status.status_code                     REL 
_pdbx_database_status.status_code_sf                  REL 
_pdbx_database_status.status_code_mr                  ? 
_pdbx_database_status.entry_id                        7ROL 
_pdbx_database_status.recvd_initial_deposition_date   2021-07-30 
_pdbx_database_status.SG_entry                        N 
_pdbx_database_status.deposit_site                    RCSB 
_pdbx_database_status.process_site                    RCSB 
_pdbx_database_status.status_code_cs                  ? 
_pdbx_database_status.status_code_nmr_data            ? 
_pdbx_database_status.methods_development_category    ? 
_pdbx_database_status.pdb_format_compatible           Y 
# 
loop_
_audit_author.name 
_audit_author.pdbx_ordinal 
_audit_author.identifier_ORCID 
'Sawaya, M.R.'    1 ? 
'Do, T.D.'        2 ? 
'Eisenberg, D.S.' 3 ? 
# 
_citation.abstract                  ? 
_citation.abstract_id_CAS           ? 
_citation.book_id_ISBN              ? 
_citation.book_publisher            ? 
_citation.book_publisher_city       ? 
_citation.book_title                ? 
_citation.coordinate_linkage        ? 
_citation.country                   US 
_citation.database_id_Medline       ? 
_citation.details                   ? 
_citation.id                        primary 
_citation.journal_abbrev            'Protein Sci.' 
_citation.journal_id_ASTM           PRCIEI 
_citation.journal_id_CSD            0795 
_citation.journal_id_ISSN           1469-896X 
_citation.journal_full              ? 
_citation.journal_issue             ? 
_citation.journal_volume            31 
_citation.language                  ? 
_citation.page_first                716 
_citation.page_last                 727 
_citation.title                     
'Atomic view of an amyloid dodecamer exhibiting selective cellular toxic vulnerability in acute brain slices.' 
_citation.year                      2022 
_citation.database_id_CSD           ? 
_citation.pdbx_database_id_DOI      10.1002/pro.4268 
_citation.pdbx_database_id_PubMed   34954854 
_citation.pdbx_database_id_patent   ? 
_citation.unpublished_flag          ? 
# 
loop_
_citation_author.citation_id 
_citation_author.name 
_citation_author.ordinal 
_citation_author.identifier_ORCID 
primary 'Gray, A.L.H.'    1 ?                   
primary 'Sawaya, M.R.'    2 ?                   
primary 'Acharyya, D.'    3 ?                   
primary 'Lou, J.'         4 ?                   
primary 'Edington, E.M.'  5 ?                   
primary 'Best, M.D.'      6 ?                   
primary 'Prosser, R.A.'   7 ?                   
primary 'Eisenberg, D.S.' 8 ?                   
primary 'Do, T.D.'        9 0000-0002-1978-4365 
# 
_cell.angle_alpha                  90.000 
_cell.angle_alpha_esd              ? 
_cell.angle_beta                   90.000 
_cell.angle_beta_esd               ? 
_cell.angle_gamma                  120.000 
_cell.angle_gamma_esd              ? 
_cell.entry_id                     7ROL 
_cell.details                      ? 
_cell.formula_units_Z              ? 
_cell.length_a                     36.930 
_cell.length_a_esd                 ? 
_cell.length_b                     36.930 
_cell.length_b_esd                 ? 
_cell.length_c                     24.900 
_cell.length_c_esd                 ? 
_cell.volume                       ? 
_cell.volume_esd                   ? 
_cell.Z_PDB                        12 
_cell.reciprocal_angle_alpha       ? 
_cell.reciprocal_angle_beta        ? 
_cell.reciprocal_angle_gamma       ? 
_cell.reciprocal_angle_alpha_esd   ? 
_cell.reciprocal_angle_beta_esd    ? 
_cell.reciprocal_angle_gamma_esd   ? 
_cell.reciprocal_length_a          ? 
_cell.reciprocal_length_b          ? 
_cell.reciprocal_length_c          ? 
_cell.reciprocal_length_a_esd      ? 
_cell.reciprocal_length_b_esd      ? 
_cell.reciprocal_length_c_esd      ? 
_cell.pdbx_unique_axis             ? 
# 
_symmetry.entry_id                         7ROL 
_symmetry.cell_setting                     ? 
_symmetry.Int_Tables_number                172 
_symmetry.space_group_name_Hall            ? 
_symmetry.space_group_name_H-M             'P 64' 
_symmetry.pdbx_full_space_group_name_H-M   ? 
# 
_entity.id                         1 
_entity.type                       polymer 
_entity.src_method                 syn 
_entity.pdbx_description           'Alpha-crystallin B chain peptide' 
_entity.formula_weight             1392.479 
_entity.pdbx_number_of_molecules   2 
_entity.pdbx_ec                    ? 
_entity.pdbx_mutation              G95W 
_entity.pdbx_fragment              'residues 90-100' 
_entity.details                    ? 
# 
_entity_poly.entity_id                      1 
_entity_poly.type                           'polypeptide(L)' 
_entity_poly.nstd_linkage                   no 
_entity_poly.nstd_monomer                   yes 
_entity_poly.pdbx_seq_one_letter_code       'KVKV(A8E)WDVIEV' 
_entity_poly.pdbx_seq_one_letter_code_can   KVKVXWDVIEV 
_entity_poly.pdbx_strand_id                 A,B 
_entity_poly.pdbx_target_identifier         ? 
# 
loop_
_entity_poly_seq.entity_id 
_entity_poly_seq.num 
_entity_poly_seq.mon_id 
_entity_poly_seq.hetero 
1 1  LYS n 
1 2  VAL n 
1 3  LYS n 
1 4  VAL n 
1 5  A8E n 
1 6  TRP n 
1 7  ASP n 
1 8  VAL n 
1 9  ILE n 
1 10 GLU n 
1 11 VAL n 
# 
_pdbx_entity_src_syn.entity_id              1 
_pdbx_entity_src_syn.pdbx_src_id            1 
_pdbx_entity_src_syn.pdbx_alt_source_flag   sample 
_pdbx_entity_src_syn.pdbx_beg_seq_num       1 
_pdbx_entity_src_syn.pdbx_end_seq_num       11 
_pdbx_entity_src_syn.organism_scientific    'Homo sapiens' 
_pdbx_entity_src_syn.organism_common_name   Human 
_pdbx_entity_src_syn.ncbi_taxonomy_id       9606 
_pdbx_entity_src_syn.details                ? 
# 
_struct_ref.id                         1 
_struct_ref.db_name                    PDB 
_struct_ref.db_code                    7ROL 
_struct_ref.pdbx_db_accession          7ROL 
_struct_ref.pdbx_db_isoform            ? 
_struct_ref.entity_id                  1 
_struct_ref.pdbx_seq_one_letter_code   ? 
_struct_ref.pdbx_align_begin           1 
# 
loop_
_struct_ref_seq.align_id 
_struct_ref_seq.ref_id 
_struct_ref_seq.pdbx_PDB_id_code 
_struct_ref_seq.pdbx_strand_id 
_struct_ref_seq.seq_align_beg 
_struct_ref_seq.pdbx_seq_align_beg_ins_code 
_struct_ref_seq.seq_align_end 
_struct_ref_seq.pdbx_seq_align_end_ins_code 
_struct_ref_seq.pdbx_db_accession 
_struct_ref_seq.db_align_beg 
_struct_ref_seq.pdbx_db_align_beg_ins_code 
_struct_ref_seq.db_align_end 
_struct_ref_seq.pdbx_db_align_end_ins_code 
_struct_ref_seq.pdbx_auth_seq_align_beg 
_struct_ref_seq.pdbx_auth_seq_align_end 
1 1 7ROL A 1 ? 11 ? 7ROL 1 ? 11 ? 1 11 
2 1 7ROL B 1 ? 11 ? 7ROL 1 ? 11 ? 1 11 
# 
loop_
_chem_comp.id 
_chem_comp.type 
_chem_comp.mon_nstd_flag 
_chem_comp.name 
_chem_comp.pdbx_synonyms 
_chem_comp.formula 
_chem_comp.formula_weight 
A8E 'L-peptide linking' n '(2S)-2-amino-4-bromopent-4-enoic acid' ? 'C5 H8 Br N O2'  194.027 
ASP 'L-peptide linking' y 'ASPARTIC ACID'                         ? 'C4 H7 N O4'     133.103 
GLU 'L-peptide linking' y 'GLUTAMIC ACID'                         ? 'C5 H9 N O4'     147.129 
ILE 'L-peptide linking' y ISOLEUCINE                              ? 'C6 H13 N O2'    131.173 
LYS 'L-peptide linking' y LYSINE                                  ? 'C6 H15 N2 O2 1' 147.195 
TRP 'L-peptide linking' y TRYPTOPHAN                              ? 'C11 H12 N2 O2'  204.225 
VAL 'L-peptide linking' y VALINE                                  ? 'C5 H11 N O2'    117.146 
# 
_exptl.absorpt_coefficient_mu     ? 
_exptl.absorpt_correction_T_max   ? 
_exptl.absorpt_correction_T_min   ? 
_exptl.absorpt_correction_type    ? 
_exptl.absorpt_process_details    ? 
_exptl.entry_id                   7ROL 
_exptl.crystals_number            1 
_exptl.details                    ? 
_exptl.method                     'X-RAY DIFFRACTION' 
_exptl.method_details             ? 
# 
_exptl_crystal.colour                      ? 
_exptl_crystal.density_diffrn              ? 
_exptl_crystal.density_Matthews            1.76 
_exptl_crystal.density_method              ? 
_exptl_crystal.density_percent_sol         30.11 
_exptl_crystal.description                 ? 
_exptl_crystal.F_000                       ? 
_exptl_crystal.id                          1 
_exptl_crystal.preparation                 ? 
_exptl_crystal.size_max                    ? 
_exptl_crystal.size_mid                    ? 
_exptl_crystal.size_min                    ? 
_exptl_crystal.size_rad                    ? 
_exptl_crystal.colour_lustre               ? 
_exptl_crystal.colour_modifier             ? 
_exptl_crystal.colour_primary              ? 
_exptl_crystal.density_meas                ? 
_exptl_crystal.density_meas_esd            ? 
_exptl_crystal.density_meas_gt             ? 
_exptl_crystal.density_meas_lt             ? 
_exptl_crystal.density_meas_temp           ? 
_exptl_crystal.density_meas_temp_esd       ? 
_exptl_crystal.density_meas_temp_gt        ? 
_exptl_crystal.density_meas_temp_lt        ? 
_exptl_crystal.pdbx_crystal_image_url      ? 
_exptl_crystal.pdbx_crystal_image_format   ? 
_exptl_crystal.pdbx_mosaicity              ? 
_exptl_crystal.pdbx_mosaicity_esd          ? 
# 
_exptl_crystal_grow.apparatus       ? 
_exptl_crystal_grow.atmosphere      ? 
_exptl_crystal_grow.crystal_id      1 
_exptl_crystal_grow.details         ? 
_exptl_crystal_grow.method          'VAPOR DIFFUSION, HANGING DROP' 
_exptl_crystal_grow.method_ref      ? 
_exptl_crystal_grow.pH              7.5 
_exptl_crystal_grow.pressure        ? 
_exptl_crystal_grow.pressure_esd    ? 
_exptl_crystal_grow.seeding         ? 
_exptl_crystal_grow.seeding_ref     ? 
_exptl_crystal_grow.temp            298 
_exptl_crystal_grow.temp_details    ? 
_exptl_crystal_grow.temp_esd        ? 
_exptl_crystal_grow.time            ? 
_exptl_crystal_grow.pdbx_details    'diammonium phosphate, methyl-2,4-pentandiol' 
_exptl_crystal_grow.pdbx_pH_range   ? 
# 
_diffrn.ambient_environment              ? 
_diffrn.ambient_temp                     100 
_diffrn.ambient_temp_details             ? 
_diffrn.ambient_temp_esd                 ? 
_diffrn.crystal_id                       1 
_diffrn.crystal_support                  ? 
_diffrn.crystal_treatment                ? 
_diffrn.details                          ? 
_diffrn.id                               1 
_diffrn.ambient_pressure                 ? 
_diffrn.ambient_pressure_esd             ? 
_diffrn.ambient_pressure_gt              ? 
_diffrn.ambient_pressure_lt              ? 
_diffrn.ambient_temp_gt                  ? 
_diffrn.ambient_temp_lt                  ? 
_diffrn.pdbx_serial_crystal_experiment   N 
# 
_diffrn_detector.details                      ? 
_diffrn_detector.detector                     PIXEL 
_diffrn_detector.diffrn_id                    1 
_diffrn_detector.type                         'DECTRIS EIGER2 X 16M' 
_diffrn_detector.area_resol_mean              ? 
_diffrn_detector.dtime                        ? 
_diffrn_detector.pdbx_frames_total            ? 
_diffrn_detector.pdbx_collection_time_total   ? 
_diffrn_detector.pdbx_collection_date         2020-10-15 
_diffrn_detector.pdbx_frequency               ? 
# 
_diffrn_radiation.collimation                      ? 
_diffrn_radiation.diffrn_id                        1 
_diffrn_radiation.filter_edge                      ? 
_diffrn_radiation.inhomogeneity                    ? 
_diffrn_radiation.monochromator                    'Si (111)' 
_diffrn_radiation.polarisn_norm                    ? 
_diffrn_radiation.polarisn_ratio                   ? 
_diffrn_radiation.probe                            ? 
_diffrn_radiation.type                             ? 
_diffrn_radiation.xray_symbol                      ? 
_diffrn_radiation.wavelength_id                    1 
_diffrn_radiation.pdbx_monochromatic_or_laue_m_l   M 
_diffrn_radiation.pdbx_wavelength_list             ? 
_diffrn_radiation.pdbx_wavelength                  ? 
_diffrn_radiation.pdbx_diffrn_protocol             'SINGLE WAVELENGTH' 
_diffrn_radiation.pdbx_analyzer                    ? 
_diffrn_radiation.pdbx_scattering_type             x-ray 
# 
_diffrn_radiation_wavelength.id           1 
_diffrn_radiation_wavelength.wavelength   0.92004 
_diffrn_radiation_wavelength.wt           1.0 
# 
_diffrn_source.current                     ? 
_diffrn_source.details                     ? 
_diffrn_source.diffrn_id                   1 
_diffrn_source.power                       ? 
_diffrn_source.size                        ? 
_diffrn_source.source                      SYNCHROTRON 
_diffrn_source.target                      ? 
_diffrn_source.type                        'APS BEAMLINE 24-ID-C' 
_diffrn_source.voltage                     ? 
_diffrn_source.take-off_angle              ? 
_diffrn_source.pdbx_wavelength_list        0.92004 
_diffrn_source.pdbx_wavelength             ? 
_diffrn_source.pdbx_synchrotron_beamline   24-ID-C 
_diffrn_source.pdbx_synchrotron_site       APS 
# 
_reflns.B_iso_Wilson_estimate                          52.814 
_reflns.entry_id                                       7ROL 
_reflns.data_reduction_details                         ? 
_reflns.data_reduction_method                          ? 
_reflns.d_resolution_high                              1.996 
_reflns.d_resolution_low                               31.982 
_reflns.details                                        ? 
_reflns.limit_h_max                                    ? 
_reflns.limit_h_min                                    ? 
_reflns.limit_k_max                                    ? 
_reflns.limit_k_min                                    ? 
_reflns.limit_l_max                                    ? 
_reflns.limit_l_min                                    ? 
_reflns.number_all                                     ? 
_reflns.number_obs                                     1372 
_reflns.observed_criterion                             ? 
_reflns.observed_criterion_F_max                       ? 
_reflns.observed_criterion_F_min                       ? 
_reflns.observed_criterion_I_max                       ? 
_reflns.observed_criterion_I_min                       ? 
_reflns.observed_criterion_sigma_F                     ? 
_reflns.observed_criterion_sigma_I                     ? 
_reflns.percent_possible_obs                           99.700 
_reflns.R_free_details                                 ? 
_reflns.Rmerge_F_all                                   ? 
_reflns.Rmerge_F_obs                                   ? 
_reflns.Friedel_coverage                               ? 
_reflns.number_gt                                      ? 
_reflns.threshold_expression                           ? 
_reflns.pdbx_redundancy                                19.594 
_reflns.pdbx_Rmerge_I_obs                              0.097 
_reflns.pdbx_Rmerge_I_all                              ? 
_reflns.pdbx_Rsym_value                                ? 
_reflns.pdbx_netI_over_av_sigmaI                       ? 
_reflns.pdbx_netI_over_sigmaI                          14.900 
_reflns.pdbx_res_netI_over_av_sigmaI_2                 ? 
_reflns.pdbx_res_netI_over_sigmaI_2                    ? 
_reflns.pdbx_chi_squared                               0.841 
_reflns.pdbx_scaling_rejects                           ? 
_reflns.pdbx_d_res_high_opt                            ? 
_reflns.pdbx_d_res_low_opt                             ? 
_reflns.pdbx_d_res_opt_method                          ? 
_reflns.phase_calculation_details                      ? 
_reflns.pdbx_Rrim_I_all                                0.100 
_reflns.pdbx_Rpim_I_all                                ? 
_reflns.pdbx_d_opt                                     ? 
_reflns.pdbx_number_measured_all                       ? 
_reflns.pdbx_diffrn_id                                 1 
_reflns.pdbx_ordinal                                   1 
_reflns.pdbx_CC_half                                   0.999 
_reflns.pdbx_CC_star                                   ? 
_reflns.pdbx_R_split                                   ? 
_reflns.pdbx_aniso_diffraction_limit_axis_1_ortho[1]   ? 
_reflns.pdbx_aniso_diffraction_limit_axis_1_ortho[2]   ? 
_reflns.pdbx_aniso_diffraction_limit_axis_1_ortho[3]   ? 
_reflns.pdbx_aniso_diffraction_limit_axis_2_ortho[1]   ? 
_reflns.pdbx_aniso_diffraction_limit_axis_2_ortho[2]   ? 
_reflns.pdbx_aniso_diffraction_limit_axis_2_ortho[3]   ? 
_reflns.pdbx_aniso_diffraction_limit_axis_3_ortho[1]   ? 
_reflns.pdbx_aniso_diffraction_limit_axis_3_ortho[2]   ? 
_reflns.pdbx_aniso_diffraction_limit_axis_3_ortho[3]   ? 
_reflns.pdbx_aniso_diffraction_limit_1                 ? 
_reflns.pdbx_aniso_diffraction_limit_2                 ? 
_reflns.pdbx_aniso_diffraction_limit_3                 ? 
_reflns.pdbx_aniso_B_tensor_eigenvector_1_ortho[1]     ? 
_reflns.pdbx_aniso_B_tensor_eigenvector_1_ortho[2]     ? 
_reflns.pdbx_aniso_B_tensor_eigenvector_1_ortho[3]     ? 
_reflns.pdbx_aniso_B_tensor_eigenvector_2_ortho[1]     ? 
_reflns.pdbx_aniso_B_tensor_eigenvector_2_ortho[2]     ? 
_reflns.pdbx_aniso_B_tensor_eigenvector_2_ortho[3]     ? 
_reflns.pdbx_aniso_B_tensor_eigenvector_3_ortho[1]     ? 
_reflns.pdbx_aniso_B_tensor_eigenvector_3_ortho[2]     ? 
_reflns.pdbx_aniso_B_tensor_eigenvector_3_ortho[3]     ? 
_reflns.pdbx_aniso_B_tensor_eigenvalue_1               ? 
_reflns.pdbx_aniso_B_tensor_eigenvalue_2               ? 
_reflns.pdbx_aniso_B_tensor_eigenvalue_3               ? 
_reflns.pdbx_orthogonalization_convention              ? 
_reflns.pdbx_percent_possible_ellipsoidal              ? 
_reflns.pdbx_percent_possible_spherical                ? 
_reflns.pdbx_percent_possible_ellipsoidal_anomalous    ? 
_reflns.pdbx_percent_possible_spherical_anomalous      ? 
_reflns.pdbx_redundancy_anomalous                      ? 
_reflns.pdbx_CC_half_anomalous                         ? 
_reflns.pdbx_absDiff_over_sigma_anomalous              ? 
_reflns.pdbx_percent_possible_anomalous                ? 
_reflns.pdbx_observed_signal_threshold                 ? 
_reflns.pdbx_signal_type                               ? 
_reflns.pdbx_signal_details                            ? 
_reflns.pdbx_signal_software_id                        ? 
# 
loop_
_reflns_shell.d_res_high 
_reflns_shell.d_res_low 
_reflns_shell.meanI_over_sigI_all 
_reflns_shell.meanI_over_sigI_obs 
_reflns_shell.number_measured_all 
_reflns_shell.number_measured_obs 
_reflns_shell.number_possible 
_reflns_shell.number_unique_all 
_reflns_shell.number_unique_obs 
_reflns_shell.percent_possible_all 
_reflns_shell.percent_possible_obs 
_reflns_shell.Rmerge_F_all 
_reflns_shell.Rmerge_F_obs 
_reflns_shell.Rmerge_I_all 
_reflns_shell.Rmerge_I_obs 
_reflns_shell.meanI_over_sigI_gt 
_reflns_shell.meanI_over_uI_all 
_reflns_shell.meanI_over_uI_gt 
_reflns_shell.number_measured_gt 
_reflns_shell.number_unique_gt 
_reflns_shell.percent_possible_gt 
_reflns_shell.Rmerge_F_gt 
_reflns_shell.Rmerge_I_gt 
_reflns_shell.pdbx_redundancy 
_reflns_shell.pdbx_Rsym_value 
_reflns_shell.pdbx_chi_squared 
_reflns_shell.pdbx_netI_over_sigmaI_all 
_reflns_shell.pdbx_netI_over_sigmaI_obs 
_reflns_shell.pdbx_Rrim_I_all 
_reflns_shell.pdbx_Rpim_I_all 
_reflns_shell.pdbx_rejects 
_reflns_shell.pdbx_ordinal 
_reflns_shell.pdbx_diffrn_id 
_reflns_shell.pdbx_CC_half 
_reflns_shell.pdbx_CC_star 
_reflns_shell.pdbx_R_split 
_reflns_shell.pdbx_percent_possible_ellipsoidal 
_reflns_shell.pdbx_percent_possible_spherical 
_reflns_shell.pdbx_percent_possible_ellipsoidal_anomalous 
_reflns_shell.pdbx_percent_possible_spherical_anomalous 
_reflns_shell.pdbx_redundancy_anomalous 
_reflns_shell.pdbx_CC_half_anomalous 
_reflns_shell.pdbx_absDiff_over_sigma_anomalous 
_reflns_shell.pdbx_percent_possible_anomalous 
2.000 2.070  ? 1.610  ? ? ? ? 149 100.000 ? ? ? ? 1.794 ? ? ? ? ? ? ? ? 19.067 ? ? ? ? 1.843 ? ? 1  1 0.657 ? ? ? ? ? ? ? ? ? ? 
2.070 2.160  ? 2.240  ? ? ? ? 131 99.200  ? ? ? ? 1.560 ? ? ? ? ? ? ? ? 20.756 ? ? ? ? 1.599 ? ? 2  1 0.773 ? ? ? ? ? ? ? ? ? ? 
2.160 2.250  ? 4.060  ? ? ? ? 131 98.500  ? ? ? ? 0.969 ? ? ? ? ? ? ? ? 19.733 ? ? ? ? 0.994 ? ? 3  1 0.957 ? ? ? ? ? ? ? ? ? ? 
2.250 2.360  ? 3.410  ? ? ? ? 127 99.200  ? ? ? ? 0.999 ? ? ? ? ? ? ? ? 18.709 ? ? ? ? 1.028 ? ? 4  1 0.899 ? ? ? ? ? ? ? ? ? ? 
2.360 2.490  ? 4.750  ? ? ? ? 119 100.000 ? ? ? ? 0.727 ? ? ? ? ? ? ? ? 19.681 ? ? ? ? 0.747 ? ? 5  1 0.982 ? ? ? ? ? ? ? ? ? ? 
2.490 2.640  ? 6.700  ? ? ? ? 115 100.000 ? ? ? ? 0.517 ? ? ? ? ? ? ? ? 20.765 ? ? ? ? 0.530 ? ? 6  1 0.975 ? ? ? ? ? ? ? ? ? ? 
2.640 2.820  ? 10.950 ? ? ? ? 107 100.000 ? ? ? ? 0.326 ? ? ? ? ? ? ? ? 20.075 ? ? ? ? 0.334 ? ? 7  1 0.984 ? ? ? ? ? ? ? ? ? ? 
2.820 3.050  ? 19.350 ? ? ? ? 96  100.000 ? ? ? ? 0.171 ? ? ? ? ? ? ? ? 19.875 ? ? ? ? 0.175 ? ? 8  1 0.993 ? ? ? ? ? ? ? ? ? ? 
3.050 3.340  ? 26.760 ? ? ? ? 91  100.000 ? ? ? ? 0.104 ? ? ? ? ? ? ? ? 19.143 ? ? ? ? 0.106 ? ? 9  1 0.999 ? ? ? ? ? ? ? ? ? ? 
3.340 3.740  ? 29.520 ? ? ? ? 87  100.000 ? ? ? ? 0.078 ? ? ? ? ? ? ? ? 19.161 ? ? ? ? 0.080 ? ? 10 1 0.999 ? ? ? ? ? ? ? ? ? ? 
3.740 4.310  ? 38.470 ? ? ? ? 72  100.000 ? ? ? ? 0.077 ? ? ? ? ? ? ? ? 19.903 ? ? ? ? 0.079 ? ? 11 1 0.999 ? ? ? ? ? ? ? ? ? ? 
4.310 5.280  ? 47.110 ? ? ? ? 67  100.000 ? ? ? ? 0.053 ? ? ? ? ? ? ? ? 19.925 ? ? ? ? 0.054 ? ? 12 1 1.000 ? ? ? ? ? ? ? ? ? ? 
5.280 7.470  ? 43.640 ? ? ? ? 51  100.000 ? ? ? ? 0.058 ? ? ? ? ? ? ? ? 17.745 ? ? ? ? 0.060 ? ? 13 1 1.000 ? ? ? ? ? ? ? ? ? ? 
7.470 31.982 ? 48.850 ? ? ? ? 29  100.000 ? ? ? ? 0.046 ? ? ? ? ? ? ? ? 17.034 ? ? ? ? 0.048 ? ? 14 1 1.000 ? ? ? ? ? ? ? ? ? ? 
# 
_refine.aniso_B[1][1]                            15.073 
_refine.aniso_B[1][2]                            0.000 
_refine.aniso_B[1][3]                            0.000 
_refine.aniso_B[2][2]                            15.073 
_refine.aniso_B[2][3]                            0.000 
_refine.aniso_B[3][3]                            -30.146 
_refine.B_iso_max                                ? 
_refine.B_iso_mean                               59.927 
_refine.B_iso_min                                ? 
_refine.correlation_coeff_Fo_to_Fc               0.934 
_refine.correlation_coeff_Fo_to_Fc_free          0.914 
_refine.details                                  
;Hydrogens have been added in their riding positions. The data is merohedral twinning with twinning operator: (-k -h -l) and corresponding twinned fractions: 0.515, 0.485.
;
_refine.diff_density_max                         ? 
_refine.diff_density_max_esd                     ? 
_refine.diff_density_min                         ? 
_refine.diff_density_min_esd                     ? 
_refine.diff_density_rms                         ? 
_refine.diff_density_rms_esd                     ? 
_refine.entry_id                                 7ROL 
_refine.pdbx_refine_id                           'X-RAY DIFFRACTION' 
_refine.ls_abs_structure_details                 ? 
_refine.ls_abs_structure_Flack                   ? 
_refine.ls_abs_structure_Flack_esd               ? 
_refine.ls_abs_structure_Rogers                  ? 
_refine.ls_abs_structure_Rogers_esd              ? 
_refine.ls_d_res_high                            1.996 
_refine.ls_d_res_low                             31.982 
_refine.ls_extinction_coef                       ? 
_refine.ls_extinction_coef_esd                   ? 
_refine.ls_extinction_expression                 ? 
_refine.ls_extinction_method                     ? 
_refine.ls_goodness_of_fit_all                   ? 
_refine.ls_goodness_of_fit_all_esd               ? 
_refine.ls_goodness_of_fit_obs                   ? 
_refine.ls_goodness_of_fit_obs_esd               ? 
_refine.ls_hydrogen_treatment                    ? 
_refine.ls_matrix_type                           ? 
_refine.ls_number_constraints                    ? 
_refine.ls_number_parameters                     ? 
_refine.ls_number_reflns_all                     ? 
_refine.ls_number_reflns_obs                     1371 
_refine.ls_number_reflns_R_free                  142 
_refine.ls_number_reflns_R_work                  1229 
_refine.ls_number_restraints                     ? 
_refine.ls_percent_reflns_obs                    99.637 
_refine.ls_percent_reflns_R_free                 10.357 
_refine.ls_R_factor_all                          0.297 
_refine.ls_R_factor_obs                          ? 
_refine.ls_R_factor_R_free                       0.3381 
_refine.ls_R_factor_R_free_error                 ? 
_refine.ls_R_factor_R_free_error_details         ? 
_refine.ls_R_factor_R_work                       0.2933 
_refine.ls_R_Fsqd_factor_obs                     ? 
_refine.ls_R_I_factor_obs                        ? 
_refine.ls_redundancy_reflns_all                 ? 
_refine.ls_redundancy_reflns_obs                 ? 
_refine.ls_restrained_S_all                      ? 
_refine.ls_restrained_S_obs                      ? 
_refine.ls_shift_over_esd_max                    ? 
_refine.ls_shift_over_esd_mean                   ? 
_refine.ls_structure_factor_coef                 ? 
_refine.ls_weighting_details                     ? 
_refine.ls_weighting_scheme                      ? 
_refine.ls_wR_factor_all                         ? 
_refine.ls_wR_factor_obs                         ? 
_refine.ls_wR_factor_R_free                      0.335 
_refine.ls_wR_factor_R_work                      0.290 
_refine.occupancy_max                            ? 
_refine.occupancy_min                            ? 
_refine.solvent_model_details                    'MASK BULK SOLVENT' 
_refine.solvent_model_param_bsol                 ? 
_refine.solvent_model_param_ksol                 ? 
_refine.pdbx_R_complete                          ? 
_refine.ls_R_factor_gt                           ? 
_refine.ls_goodness_of_fit_gt                    ? 
_refine.ls_goodness_of_fit_ref                   ? 
_refine.ls_shift_over_su_max                     ? 
_refine.ls_shift_over_su_max_lt                  ? 
_refine.ls_shift_over_su_mean                    ? 
_refine.ls_shift_over_su_mean_lt                 ? 
_refine.pdbx_ls_sigma_I                          ? 
_refine.pdbx_ls_sigma_F                          ? 
_refine.pdbx_ls_sigma_Fsqd                       ? 
_refine.pdbx_data_cutoff_high_absF               ? 
_refine.pdbx_data_cutoff_high_rms_absF           ? 
_refine.pdbx_data_cutoff_low_absF                ? 
_refine.pdbx_isotropic_thermal_model             ? 
_refine.pdbx_ls_cross_valid_method               'FREE R-VALUE' 
_refine.pdbx_method_to_determine_struct          MAD 
_refine.pdbx_starting_model                      ? 
_refine.pdbx_stereochemistry_target_values       ? 
_refine.pdbx_R_Free_selection_details            ? 
_refine.pdbx_stereochem_target_val_spec_case     ? 
_refine.pdbx_overall_ESU_R                       0.079 
_refine.pdbx_overall_ESU_R_Free                  0.057 
_refine.pdbx_solvent_vdw_probe_radii             1.200 
_refine.pdbx_solvent_ion_probe_radii             0.800 
_refine.pdbx_solvent_shrinkage_radii             0.800 
_refine.pdbx_real_space_R                        ? 
_refine.pdbx_density_correlation                 ? 
_refine.pdbx_pd_number_of_powder_patterns        ? 
_refine.pdbx_pd_number_of_points                 ? 
_refine.pdbx_pd_meas_number_of_points            ? 
_refine.pdbx_pd_proc_ls_prof_R_factor            ? 
_refine.pdbx_pd_proc_ls_prof_wR_factor           ? 
_refine.pdbx_pd_Marquardt_correlation_coeff      ? 
_refine.pdbx_pd_Fsqrd_R_factor                   ? 
_refine.pdbx_pd_ls_matrix_band_width             ? 
_refine.pdbx_overall_phase_error                 ? 
_refine.pdbx_overall_SU_R_free_Cruickshank_DPI   ? 
_refine.pdbx_overall_SU_R_free_Blow_DPI          ? 
_refine.pdbx_overall_SU_R_Blow_DPI               ? 
_refine.pdbx_TLS_residual_ADP_flag               ? 
_refine.pdbx_diffrn_id                           1 
_refine.overall_SU_B                             5.999 
_refine.overall_SU_ML                            0.155 
_refine.overall_SU_R_Cruickshank_DPI             ? 
_refine.overall_SU_R_free                        ? 
_refine.overall_FOM_free_R_set                   ? 
_refine.overall_FOM_work_R_set                   ? 
_refine.pdbx_average_fsc_overall                 ? 
_refine.pdbx_average_fsc_work                    0.9308 
_refine.pdbx_average_fsc_free                    0.8926 
# 
_refine_hist.pdbx_refine_id                   'X-RAY DIFFRACTION' 
_refine_hist.cycle_id                         LAST 
_refine_hist.details                          ? 
_refine_hist.d_res_high                       1.996 
_refine_hist.d_res_low                        31.982 
_refine_hist.number_atoms_solvent             0 
_refine_hist.number_atoms_total               188 
_refine_hist.number_reflns_all                ? 
_refine_hist.number_reflns_obs                ? 
_refine_hist.number_reflns_R_free             ? 
_refine_hist.number_reflns_R_work             ? 
_refine_hist.R_factor_all                     ? 
_refine_hist.R_factor_obs                     ? 
_refine_hist.R_factor_R_free                  ? 
_refine_hist.R_factor_R_work                  ? 
_refine_hist.pdbx_number_residues_total       ? 
_refine_hist.pdbx_B_iso_mean_ligand           ? 
_refine_hist.pdbx_B_iso_mean_solvent          ? 
_refine_hist.pdbx_number_atoms_protein        188 
_refine_hist.pdbx_number_atoms_nucleic_acid   0 
_refine_hist.pdbx_number_atoms_ligand         0 
_refine_hist.pdbx_number_atoms_lipid          ? 
_refine_hist.pdbx_number_atoms_carb           ? 
_refine_hist.pdbx_pseudo_atom_details         ? 
# 
loop_
_refine_ls_restr.pdbx_refine_id 
_refine_ls_restr.criterion 
_refine_ls_restr.dev_ideal 
_refine_ls_restr.dev_ideal_target 
_refine_ls_restr.number 
_refine_ls_restr.rejects 
_refine_ls_restr.type 
_refine_ls_restr.weight 
_refine_ls_restr.pdbx_restraint_function 
'X-RAY DIFFRACTION' ? 0.008  0.014  190 ? r_bond_refined_d               ? ? 
'X-RAY DIFFRACTION' ? 0.002  0.018  208 ? r_bond_other_d                 ? ? 
'X-RAY DIFFRACTION' ? 1.677  1.733  252 ? r_angle_refined_deg            ? ? 
'X-RAY DIFFRACTION' ? 1.007  1.751  474 ? r_angle_other_deg              ? ? 
'X-RAY DIFFRACTION' ? 8.632  5.000  16  ? r_dihedral_angle_1_deg         ? ? 
'X-RAY DIFFRACTION' ? 20.420 26.667 6   ? r_dihedral_angle_2_deg         ? ? 
'X-RAY DIFFRACTION' ? 16.269 15.000 36  ? r_dihedral_angle_3_deg         ? ? 
'X-RAY DIFFRACTION' ? 0.097  0.200  24  ? r_chiral_restr                 ? ? 
'X-RAY DIFFRACTION' ? 0.008  0.020  182 ? r_gen_planes_refined           ? ? 
'X-RAY DIFFRACTION' ? 0.001  0.020  30  ? r_gen_planes_other             ? ? 
'X-RAY DIFFRACTION' ? 0.187  0.200  18  ? r_nbd_refined                  ? ? 
'X-RAY DIFFRACTION' ? 0.194  0.200  183 ? r_symmetry_nbd_other           ? ? 
'X-RAY DIFFRACTION' ? 0.179  0.200  77  ? r_nbtor_refined                ? ? 
'X-RAY DIFFRACTION' ? 0.158  0.200  110 ? r_symmetry_nbtor_other         ? ? 
'X-RAY DIFFRACTION' ? 0.175  0.200  5   ? r_xyhbond_nbd_refined          ? ? 
'X-RAY DIFFRACTION' ? 0.215  0.200  12  ? r_symmetry_nbd_refined         ? ? 
'X-RAY DIFFRACTION' ? 0.272  0.200  46  ? r_nbd_other                    ? ? 
'X-RAY DIFFRACTION' ? 0.255  0.200  3   ? r_symmetry_xyhbond_nbd_refined ? ? 
'X-RAY DIFFRACTION' ? 0.008  0.200  1   ? r_xyhbond_nbd_other            ? ? 
'X-RAY DIFFRACTION' ? 6.530  5.657  86  ? r_mcbond_it                    ? ? 
'X-RAY DIFFRACTION' ? 6.554  5.641  85  ? r_mcbond_other                 ? ? 
'X-RAY DIFFRACTION' ? 9.869  8.527  98  ? r_mcangle_it                   ? ? 
'X-RAY DIFFRACTION' ? 9.823  8.545  99  ? r_mcangle_other                ? ? 
'X-RAY DIFFRACTION' ? 5.908  6.474  104 ? r_scbond_it                    ? ? 
'X-RAY DIFFRACTION' ? 5.851  6.472  104 ? r_scbond_other                 ? ? 
'X-RAY DIFFRACTION' ? 9.156  9.465  154 ? r_scangle_it                   ? ? 
'X-RAY DIFFRACTION' ? 9.143  9.464  154 ? r_scangle_other                ? ? 
'X-RAY DIFFRACTION' ? 13.121 59.556 178 ? r_lrange_it                    ? ? 
'X-RAY DIFFRACTION' ? 13.085 59.723 179 ? r_lrange_other                 ? ? 
# 
loop_
_refine_ls_shell.pdbx_refine_id 
_refine_ls_shell.d_res_high 
_refine_ls_shell.d_res_low 
_refine_ls_shell.number_reflns_all 
_refine_ls_shell.number_reflns_obs 
_refine_ls_shell.number_reflns_R_free 
_refine_ls_shell.number_reflns_R_work 
_refine_ls_shell.percent_reflns_obs 
_refine_ls_shell.percent_reflns_R_free 
_refine_ls_shell.R_factor_all 
_refine_ls_shell.R_factor_obs 
_refine_ls_shell.R_factor_R_free 
_refine_ls_shell.R_factor_R_free_error 
_refine_ls_shell.R_factor_R_work 
_refine_ls_shell.redundancy_reflns_all 
_refine_ls_shell.redundancy_reflns_obs 
_refine_ls_shell.wR_factor_all 
_refine_ls_shell.wR_factor_obs 
_refine_ls_shell.wR_factor_R_free 
_refine_ls_shell.wR_factor_R_work 
_refine_ls_shell.pdbx_R_complete 
_refine_ls_shell.pdbx_total_number_of_bins_used 
_refine_ls_shell.pdbx_phase_error 
_refine_ls_shell.pdbx_fsc_work 
_refine_ls_shell.pdbx_fsc_free 
'X-RAY DIFFRACTION' 1.996 2.231  . . 41 348 98.9822  . . . 0.471 . 0.294 . . . . . . . . . . . 
'X-RAY DIFFRACTION' 2.231 2.574  . . 31 299 99.6979  . . . 0.544 . 0.414 . . . . . . . . . . . 
'X-RAY DIFFRACTION' 2.574 3.147  . . 35 256 100.0000 . . . 0.440 . 0.339 . . . . . . . . . . . 
'X-RAY DIFFRACTION' 3.147 4.430  . . 21 204 100.0000 . . . 0.309 . 0.288 . . . . . . . . . . . 
'X-RAY DIFFRACTION' 4.430 31.982 . . 14 122 100.0000 . . . 0.194 . 0.247 . . . . . . . . . . . 
# 
_struct.entry_id                                   7ROL 
_struct.title                                      
'Amyloid-related segment of alphaB-crystallin residues 90-100 with G95W mutation, bromo derivative' 
_struct.pdbx_structure_determination_methodology   ? 
_struct.pdbx_model_details                         'Amyloid Oligomer' 
_struct.pdbx_formula_weight                        ? 
_struct.pdbx_formula_weight_method                 ? 
_struct.pdbx_model_type_details                    ? 
_struct.pdbx_CASP_flag                             N 
# 
_struct_keywords.entry_id        7ROL 
_struct_keywords.text            'amyloid oligomer, PROTEIN FIBRIL' 
_struct_keywords.pdbx_keywords   'PROTEIN FIBRIL' 
# 
loop_
_struct_asym.id 
_struct_asym.pdbx_blank_PDB_chainid_flag 
_struct_asym.pdbx_modified 
_struct_asym.entity_id 
_struct_asym.details 
A N N 1 ? 
B N N 1 ? 
# 
loop_
_struct_conn.id 
_struct_conn.conn_type_id 
_struct_conn.pdbx_leaving_atom_flag 
_struct_conn.pdbx_PDB_id 
_struct_conn.ptnr1_label_asym_id 
_struct_conn.ptnr1_label_comp_id 
_struct_conn.ptnr1_label_seq_id 
_struct_conn.ptnr1_label_atom_id 
_struct_conn.pdbx_ptnr1_label_alt_id 
_struct_conn.pdbx_ptnr1_PDB_ins_code 
_struct_conn.pdbx_ptnr1_standard_comp_id 
_struct_conn.ptnr1_symmetry 
_struct_conn.ptnr2_label_asym_id 
_struct_conn.ptnr2_label_comp_id 
_struct_conn.ptnr2_label_seq_id 
_struct_conn.ptnr2_label_atom_id 
_struct_conn.pdbx_ptnr2_label_alt_id 
_struct_conn.pdbx_ptnr2_PDB_ins_code 
_struct_conn.ptnr1_auth_asym_id 
_struct_conn.ptnr1_auth_comp_id 
_struct_conn.ptnr1_auth_seq_id 
_struct_conn.ptnr2_auth_asym_id 
_struct_conn.ptnr2_auth_comp_id 
_struct_conn.ptnr2_auth_seq_id 
_struct_conn.ptnr2_symmetry 
_struct_conn.pdbx_ptnr3_label_atom_id 
_struct_conn.pdbx_ptnr3_label_seq_id 
_struct_conn.pdbx_ptnr3_label_comp_id 
_struct_conn.pdbx_ptnr3_label_asym_id 
_struct_conn.pdbx_ptnr3_label_alt_id 
_struct_conn.pdbx_ptnr3_PDB_ins_code 
_struct_conn.details 
_struct_conn.pdbx_dist_value 
_struct_conn.pdbx_value_order 
_struct_conn.pdbx_role 
covale1 covale one  ? A VAL 4 C ? ? ? 1_555 A A8E 5 N ? ? A VAL 4 A A8E 5 1_555 ? ? ? ? ? ? ? 1.268 ? ? 
covale2 covale both ? A A8E 5 C ? ? ? 1_555 A TRP 6 N ? ? A A8E 5 A TRP 6 1_555 ? ? ? ? ? ? ? 1.341 ? ? 
covale3 covale one  ? B VAL 4 C ? ? ? 1_555 B A8E 5 N ? ? B VAL 4 B A8E 5 1_555 ? ? ? ? ? ? ? 1.255 ? ? 
covale4 covale both ? B A8E 5 C ? ? ? 1_555 B TRP 6 N ? ? B A8E 5 B TRP 6 1_555 ? ? ? ? ? ? ? 1.323 ? ? 
# 
_struct_conn_type.id          covale 
_struct_conn_type.criteria    ? 
_struct_conn_type.reference   ? 
# 
loop_
_struct_sheet.id 
_struct_sheet.type 
_struct_sheet.number_strands 
_struct_sheet.details 
AA1 ? 2 ? 
AA2 ? 2 ? 
# 
loop_
_struct_sheet_order.sheet_id 
_struct_sheet_order.range_id_1 
_struct_sheet_order.range_id_2 
_struct_sheet_order.offset 
_struct_sheet_order.sense 
AA1 1 2 ? anti-parallel 
AA2 1 2 ? anti-parallel 
# 
loop_
_struct_sheet_range.sheet_id 
_struct_sheet_range.id 
_struct_sheet_range.beg_label_comp_id 
_struct_sheet_range.beg_label_asym_id 
_struct_sheet_range.beg_label_seq_id 
_struct_sheet_range.pdbx_beg_PDB_ins_code 
_struct_sheet_range.end_label_comp_id 
_struct_sheet_range.end_label_asym_id 
_struct_sheet_range.end_label_seq_id 
_struct_sheet_range.pdbx_end_PDB_ins_code 
_struct_sheet_range.beg_auth_comp_id 
_struct_sheet_range.beg_auth_asym_id 
_struct_sheet_range.beg_auth_seq_id 
_struct_sheet_range.end_auth_comp_id 
_struct_sheet_range.end_auth_asym_id 
_struct_sheet_range.end_auth_seq_id 
AA1 1 VAL A 2 ? VAL A 4  ? VAL A 2 VAL A 4  
AA1 2 VAL B 8 ? GLU B 10 ? VAL B 8 GLU B 10 
AA2 1 VAL A 8 ? GLU A 10 ? VAL A 8 GLU A 10 
AA2 2 VAL B 2 ? VAL B 4  ? VAL B 2 VAL B 4  
# 
loop_
_pdbx_struct_sheet_hbond.sheet_id 
_pdbx_struct_sheet_hbond.range_id_1 
_pdbx_struct_sheet_hbond.range_id_2 
_pdbx_struct_sheet_hbond.range_1_label_atom_id 
_pdbx_struct_sheet_hbond.range_1_label_comp_id 
_pdbx_struct_sheet_hbond.range_1_label_asym_id 
_pdbx_struct_sheet_hbond.range_1_label_seq_id 
_pdbx_struct_sheet_hbond.range_1_PDB_ins_code 
_pdbx_struct_sheet_hbond.range_1_auth_atom_id 
_pdbx_struct_sheet_hbond.range_1_auth_comp_id 
_pdbx_struct_sheet_hbond.range_1_auth_asym_id 
_pdbx_struct_sheet_hbond.range_1_auth_seq_id 
_pdbx_struct_sheet_hbond.range_2_label_atom_id 
_pdbx_struct_sheet_hbond.range_2_label_comp_id 
_pdbx_struct_sheet_hbond.range_2_label_asym_id 
_pdbx_struct_sheet_hbond.range_2_label_seq_id 
_pdbx_struct_sheet_hbond.range_2_PDB_ins_code 
_pdbx_struct_sheet_hbond.range_2_auth_atom_id 
_pdbx_struct_sheet_hbond.range_2_auth_comp_id 
_pdbx_struct_sheet_hbond.range_2_auth_asym_id 
_pdbx_struct_sheet_hbond.range_2_auth_seq_id 
AA1 1 2 N LYS A 3 ? N LYS A 3 O ILE B 9 ? O ILE B 9 
AA2 1 2 N ILE A 9 ? N ILE A 9 O LYS B 3 ? O LYS B 3 
# 
_atom_sites.entry_id                    7ROL 
_atom_sites.Cartn_transf_matrix[1][1]   ? 
_atom_sites.Cartn_transf_matrix[1][2]   ? 
_atom_sites.Cartn_transf_matrix[1][3]   ? 
_atom_sites.Cartn_transf_matrix[2][1]   ? 
_atom_sites.Cartn_transf_matrix[2][2]   ? 
_atom_sites.Cartn_transf_matrix[2][3]   ? 
_atom_sites.Cartn_transf_matrix[3][1]   ? 
_atom_sites.Cartn_transf_matrix[3][2]   ? 
_atom_sites.Cartn_transf_matrix[3][3]   ? 
_atom_sites.Cartn_transf_vector[1]      ? 
_atom_sites.Cartn_transf_vector[2]      ? 
_atom_sites.Cartn_transf_vector[3]      ? 
_atom_sites.fract_transf_matrix[1][1]   0.02613505 
_atom_sites.fract_transf_matrix[1][2]   0.00232718 
_atom_sites.fract_transf_matrix[1][3]   0.01700539 
_atom_sites.fract_transf_matrix[2][1]   0.01127199 
_atom_sites.fract_transf_matrix[2][2]   -0.02509690 
_atom_sites.fract_transf_matrix[2][3]   0.01485642 
_atom_sites.fract_transf_matrix[3][1]   0.02188457 
_atom_sites.fract_transf_matrix[3][2]   -0.00932525 
_atom_sites.fract_transf_matrix[3][3]   -0.03235756 
_atom_sites.fract_transf_vector[1]      0.281942 
_atom_sites.fract_transf_vector[2]      0.145573 
_atom_sites.fract_transf_vector[3]      -0.203596 
_atom_sites.solution_primary            ? 
_atom_sites.solution_secondary          ? 
_atom_sites.solution_hydrogens          ? 
_atom_sites.special_details             ? 
# 
loop_
_atom_type.symbol 
_atom_type.pdbx_scat_Z 
_atom_type.pdbx_N_electrons 
_atom_type.scat_Cromer_Mann_a1 
_atom_type.scat_Cromer_Mann_b1 
_atom_type.scat_Cromer_Mann_a2 
_atom_type.scat_Cromer_Mann_b2 
_atom_type.scat_Cromer_Mann_a3 
_atom_type.scat_Cromer_Mann_b3 
_atom_type.scat_Cromer_Mann_a4 
_atom_type.scat_Cromer_Mann_b4 
_atom_type.scat_Cromer_Mann_c 
BR 35 35 17.182 2.172  5.237 16.580 5.639 0.261  3.986 41.433 -5.963  
C  6  6  2.310  20.844 1.020 10.208 1.589 0.569  0.865 51.651 0.216   
H  1  1  0.493  10.511 0.323 26.126 0.140 3.142  0.041 57.800 0.003   
N  7  7  12.222 0.006  3.135 9.893  2.014 28.997 1.167 0.583  -11.538 
O  8  8  3.049  13.277 2.287 5.701  1.546 0.324  0.867 32.909 0.251   
# 
loop_
_atom_site.group_PDB 
_atom_site.id 
_atom_site.type_symbol 
_atom_site.label_atom_id 
_atom_site.label_alt_id 
_atom_site.label_comp_id 
_atom_site.label_asym_id 
_atom_site.label_entity_id 
_atom_site.label_seq_id 
_atom_site.pdbx_PDB_ins_code 
_atom_site.Cartn_x 
_atom_site.Cartn_y 
_atom_site.Cartn_z 
_atom_site.occupancy 
_atom_site.B_iso_or_equiv 
_atom_site.pdbx_formal_charge 
_atom_site.auth_seq_id 
_atom_site.auth_comp_id 
_atom_site.auth_asym_id 
_atom_site.auth_atom_id 
_atom_site.pdbx_PDB_model_num 
_atom_site.calc_flag 
ATOM   1   N  N   . LYS A 1 1  ? -1.515 -16.193 4.859  1.000 93.500  0 1  LYS A N   1 ? 
ATOM   2   C  CA  . LYS A 1 1  ? -2.597 -15.655 3.971  1.000 92.774  0 1  LYS A CA  1 ? 
ATOM   3   C  C   . LYS A 1 1  ? -2.059 -14.441 3.206  1.000 82.321  0 1  LYS A C   1 ? 
ATOM   4   O  O   . LYS A 1 1  ? -0.891 -14.077 3.420  1.000 77.651  0 1  LYS A O   1 ? 
ATOM   5   C  CB  . LYS A 1 1  ? -3.872 -15.315 4.761  1.000 97.192  0 1  LYS A CB  1 ? 
ATOM   6   C  CG  . LYS A 1 1  ? -3.691 -14.574 6.082  1.000 91.682  0 1  LYS A CG  1 ? 
ATOM   7   C  CD  . LYS A 1 1  ? -4.992 -14.012 6.613  1.000 89.619  0 1  LYS A CD  1 ? 
ATOM   8   C  CE  . LYS A 1 1  ? -4.952 -13.727 8.098  1.000 91.427  0 1  LYS A CE  1 ? 
ATOM   9   N  NZ  . LYS A 1 1  ? -6.224 -13.132 8.573  1.000 91.076  0 1  LYS A NZ  1 ? 
ATOM   10  N  N   . VAL A 1 2  ? -2.880 -13.866 2.326  1.000 79.654  0 2  VAL A N   1 ? 
ATOM   11  C  CA  . VAL A 1 2  ? -2.543 -12.675 1.489  1.000 72.499  0 2  VAL A CA  1 ? 
ATOM   12  C  C   . VAL A 1 2  ? -3.285 -11.456 2.048  1.000 64.697  0 2  VAL A C   1 ? 
ATOM   13  O  O   . VAL A 1 2  ? -4.524 -11.501 2.140  1.000 70.253  0 2  VAL A O   1 ? 
ATOM   14  C  CB  . VAL A 1 2  ? -2.894 -12.936 0.011  1.000 72.869  0 2  VAL A CB  1 ? 
ATOM   15  C  CG1 . VAL A 1 2  ? -3.244 -11.664 -0.741 1.000 72.449  0 2  VAL A CG1 1 ? 
ATOM   16  C  CG2 . VAL A 1 2  ? -1.772 -13.682 -0.689 1.000 76.354  0 2  VAL A CG2 1 ? 
ATOM   17  N  N   . LYS A 1 3  ? -2.543 -10.401 2.374  1.000 53.718  0 3  LYS A N   1 ? 
ATOM   18  C  CA  . LYS A 1 3  ? -3.079 -9.135  2.929  1.000 48.747  0 3  LYS A CA  1 ? 
ATOM   19  C  C   . LYS A 1 3  ? -2.653 -7.979  2.027  1.000 44.145  0 3  LYS A C   1 ? 
ATOM   20  O  O   . LYS A 1 3  ? -1.438 -7.761  1.920  1.000 39.204  0 3  LYS A O   1 ? 
ATOM   21  C  CB  . LYS A 1 3  ? -2.519 -8.915  4.334  1.000 53.085  0 3  LYS A CB  1 ? 
ATOM   22  C  CG  . LYS A 1 3  ? -2.989 -9.909  5.381  1.000 57.668  0 3  LYS A CG  1 ? 
ATOM   23  C  CD  . LYS A 1 3  ? -4.476 -9.972  5.523  1.000 61.496  0 3  LYS A CD  1 ? 
ATOM   24  C  CE  . LYS A 1 3  ? -4.922 -10.190 6.950  1.000 61.508  0 3  LYS A CE  1 ? 
ATOM   25  N  NZ  . LYS A 1 3  ? -6.397 -10.142 7.050  1.000 69.129  0 3  LYS A NZ  1 ? 
ATOM   26  N  N   . VAL A 1 4  ? -3.607 -7.269  1.425  1.000 38.676  0 4  VAL A N   1 ? 
ATOM   27  C  CA  . VAL A 1 4  ? -3.323 -6.135  0.500  1.000 46.338  0 4  VAL A CA  1 ? 
ATOM   28  C  C   . VAL A 1 4  ? -3.319 -4.843  1.321  1.000 38.273  0 4  VAL A C   1 ? 
ATOM   29  O  O   . VAL A 1 4  ? -4.247 -4.804  2.099  1.000 36.858  0 4  VAL A O   1 ? 
ATOM   30  C  CB  . VAL A 1 4  ? -4.351 -6.060  -0.647 1.000 53.880  0 4  VAL A CB  1 ? 
ATOM   31  C  CG1 . VAL A 1 4  ? -3.846 -5.198  -1.798 1.000 53.702  0 4  VAL A CG1 1 ? 
ATOM   32  C  CG2 . VAL A 1 4  ? -4.746 -7.444  -1.151 1.000 56.360  0 4  VAL A CG2 1 ? 
HETATM 33  C  C   . A8E A 1 5  ? -2.157 -1.740  1.368  1.000 31.941  0 5  A8E A C   1 ? 
HETATM 34  N  N   . A8E A 1 5  ? -2.246 -4.176  1.432  1.000 27.408  0 5  A8E A N   1 ? 
HETATM 35  O  OXT . A8E A 1 5  ? -1.374 -1.733  0.397  1.000 32.145  0 5  A8E A OXT 1 ? 
HETATM 36  BR BR  . A8E A 1 5  ? -1.626 -4.185  5.119  1.000 62.724  0 5  A8E A BR  1 ? 
HETATM 37  C  CA  . A8E A 1 5  ? -2.093 -2.997  2.248  1.000 29.468  0 5  A8E A CA  1 ? 
HETATM 38  C  CB  . A8E A 1 5  ? -0.604 -3.019  2.743  1.000 31.634  0 5  A8E A CB  1 ? 
HETATM 39  C  CG  . A8E A 1 5  ? -0.437 -4.148  3.675  1.000 38.922  0 5  A8E A CG  1 ? 
HETATM 40  C  CD1 . A8E A 1 5  ? 0.451  -5.112  3.503  1.000 39.972  0 5  A8E A CD1 1 ? 
ATOM   41  N  N   . TRP A 1 6  ? -2.960 -0.710  1.671  1.000 29.499  0 6  TRP A N   1 ? 
ATOM   42  C  CA  . TRP A 1 6  ? -2.944 0.553   0.863  1.000 30.710  0 6  TRP A CA  1 ? 
ATOM   43  C  C   . TRP A 1 6  ? -2.248 1.655   1.662  1.000 28.917  0 6  TRP A C   1 ? 
ATOM   44  O  O   . TRP A 1 6  ? -2.311 1.642   2.882  1.000 31.511  0 6  TRP A O   1 ? 
ATOM   45  C  CB  . TRP A 1 6  ? -4.371 0.980   0.534  1.000 35.273  0 6  TRP A CB  1 ? 
ATOM   46  C  CG  . TRP A 1 6  ? -4.950 0.151   -0.562 1.000 48.151  0 6  TRP A CG  1 ? 
ATOM   47  C  CD1 . TRP A 1 6  ? -5.663 -1.000  -0.425 1.000 53.902  0 6  TRP A CD1 1 ? 
ATOM   48  C  CD2 . TRP A 1 6  ? -4.798 0.367   -1.975 1.000 55.497  0 6  TRP A CD2 1 ? 
ATOM   49  N  NE1 . TRP A 1 6  ? -6.002 -1.493  -1.657 1.000 57.379  0 6  TRP A NE1 1 ? 
ATOM   50  C  CE2 . TRP A 1 6  ? -5.478 -0.686  -2.627 1.000 54.942  0 6  TRP A CE2 1 ? 
ATOM   51  C  CE3 . TRP A 1 6  ? -4.175 1.350   -2.754 1.000 58.764  0 6  TRP A CE3 1 ? 
ATOM   52  C  CZ2 . TRP A 1 6  ? -5.563 -0.777  -4.013 1.000 56.715  0 6  TRP A CZ2 1 ? 
ATOM   53  C  CZ3 . TRP A 1 6  ? -4.243 1.252   -4.128 1.000 58.347  0 6  TRP A CZ3 1 ? 
ATOM   54  C  CH2 . TRP A 1 6  ? -4.929 0.203   -4.744 1.000 59.128  0 6  TRP A CH2 1 ? 
ATOM   55  N  N   . ASP A 1 7  ? -1.684 2.638   0.971  1.000 36.675  0 7  ASP A N   1 ? 
ATOM   56  C  CA  . ASP A 1 7  ? -1.097 3.833   1.623  1.000 39.361  0 7  ASP A CA  1 ? 
ATOM   57  C  C   . ASP A 1 7  ? -1.326 5.022   0.700  1.000 38.272  0 7  ASP A C   1 ? 
ATOM   58  O  O   . ASP A 1 7  ? -1.408 4.815   -0.513 1.000 33.501  0 7  ASP A O   1 ? 
ATOM   59  C  CB  . ASP A 1 7  ? 0.387  3.612   1.916  1.000 46.793  0 7  ASP A CB  1 ? 
ATOM   60  C  CG  . ASP A 1 7  ? 0.944  4.559   2.959  1.000 49.192  0 7  ASP A CG  1 ? 
ATOM   61  O  OD1 . ASP A 1 7  ? 0.283  5.585   3.237  1.000 53.868  0 7  ASP A OD1 1 ? 
ATOM   62  O  OD2 . ASP A 1 7  ? 2.038  4.269   3.480  1.000 71.792  0 7  ASP A OD2 1 ? 
ATOM   63  N  N   . VAL A 1 8  ? -1.511 6.201   1.272  1.000 44.748  0 8  VAL A N   1 ? 
ATOM   64  C  CA  . VAL A 1 8  ? -1.400 7.476   0.517  1.000 56.306  0 8  VAL A CA  1 ? 
ATOM   65  C  C   . VAL A 1 8  ? -0.235 8.236   1.148  1.000 62.384  0 8  VAL A C   1 ? 
ATOM   66  O  O   . VAL A 1 8  ? -0.428 8.763   2.263  1.000 68.717  0 8  VAL A O   1 ? 
ATOM   67  C  CB  . VAL A 1 8  ? -2.725 8.259   0.530  1.000 56.057  0 8  VAL A CB  1 ? 
ATOM   68  C  CG1 . VAL A 1 8  ? -2.637 9.520   -0.305 1.000 58.778  0 8  VAL A CG1 1 ? 
ATOM   69  C  CG2 . VAL A 1 8  ? -3.879 7.397   0.046  1.000 53.110  0 8  VAL A CG2 1 ? 
ATOM   70  N  N   . ILE A 1 9  ? 0.943  8.213   0.508  1.000 65.641  0 9  ILE A N   1 ? 
ATOM   71  C  CA  . ILE A 1 9  ? 2.115  9.016   0.964  1.000 69.053  0 9  ILE A CA  1 ? 
ATOM   72  C  C   . ILE A 1 9  ? 2.070  10.379  0.263  1.000 68.264  0 9  ILE A C   1 ? 
ATOM   73  O  O   . ILE A 1 9  ? 2.066  10.426  -0.984 1.000 60.980  0 9  ILE A O   1 ? 
ATOM   74  C  CB  . ILE A 1 9  ? 3.449  8.263   0.802  1.000 71.475  0 9  ILE A CB  1 ? 
ATOM   75  C  CG1 . ILE A 1 9  ? 3.466  7.031   1.715  1.000 72.938  0 9  ILE A CG1 1 ? 
ATOM   76  C  CG2 . ILE A 1 9  ? 4.632  9.186   1.076  1.000 72.163  0 9  ILE A CG2 1 ? 
ATOM   77  C  CD1 . ILE A 1 9  ? 4.766  6.264   1.733  1.000 69.336  0 9  ILE A CD1 1 ? 
ATOM   78  N  N   . GLU A 1 10 ? 1.976  11.429  1.081  1.000 74.437  0 10 GLU A N   1 ? 
ATOM   79  C  CA  . GLU A 1 10 ? 2.009  12.862  0.694  1.000 82.718  0 10 GLU A CA  1 ? 
ATOM   80  C  C   . GLU A 1 10 ? 3.472  13.237  0.436  1.000 76.999  0 10 GLU A C   1 ? 
ATOM   81  O  O   . GLU A 1 10 ? 4.308  12.963  1.323  1.000 54.487  0 10 GLU A O   1 ? 
ATOM   82  C  CB  . GLU A 1 10 ? 1.395  13.700  1.820  1.000 91.548  0 10 GLU A CB  1 ? 
ATOM   83  C  CG  . GLU A 1 10 ? 0.768  15.008  1.372  1.000 92.642  0 10 GLU A CG  1 ? 
ATOM   84  C  CD  . GLU A 1 10 ? 0.007  15.715  2.480  1.000 91.770  0 10 GLU A CD  1 ? 
ATOM   85  O  OE1 . GLU A 1 10 ? 0.108  15.266  3.646  1.000 82.386  0 10 GLU A OE1 1 ? 
ATOM   86  O  OE2 . GLU A 1 10 ? -0.688 16.707  2.176  1.000 100.753 0 10 GLU A OE2 1 ? 
ATOM   87  N  N   . VAL A 1 11 ? 3.769  13.772  -0.753 1.000 71.242  0 11 VAL A N   1 ? 
ATOM   88  C  CA  . VAL A 1 11 ? 5.107  14.324  -1.116 1.000 85.289  0 11 VAL A CA  1 ? 
ATOM   89  C  C   . VAL A 1 11 ? 4.878  15.536  -2.025 1.000 94.368  0 11 VAL A C   1 ? 
ATOM   90  O  O   . VAL A 1 11 ? 4.991  15.492  -3.257 1.000 113.769 0 11 VAL A O   1 ? 
ATOM   91  C  CB  . VAL A 1 11 ? 6.022  13.276  -1.783 1.000 87.038  0 11 VAL A CB  1 ? 
ATOM   92  C  CG1 . VAL A 1 11 ? 7.484  13.674  -1.651 1.000 89.072  0 11 VAL A CG1 1 ? 
ATOM   93  C  CG2 . VAL A 1 11 ? 5.803  11.872  -1.242 1.000 85.976  0 11 VAL A CG2 1 ? 
ATOM   94  O  OXT . VAL A 1 11 ? 4.550  16.603  -1.515 1.000 85.645  0 11 VAL A OXT 1 ? 
ATOM   95  N  N   . LYS B 1 1  ? 2.810  16.542  -4.194 1.000 72.214  0 1  LYS B N   1 ? 
ATOM   96  C  CA  . LYS B 1 1  ? 1.793  15.664  -4.837 1.000 69.785  0 1  LYS B CA  1 ? 
ATOM   97  C  C   . LYS B 1 1  ? 1.231  14.665  -3.811 1.000 68.254  0 1  LYS B C   1 ? 
ATOM   98  O  O   . LYS B 1 1  ? 1.560  14.793  -2.604 1.000 71.744  0 1  LYS B O   1 ? 
ATOM   99  C  CB  . LYS B 1 1  ? 2.391  14.901  -6.023 1.000 68.751  0 1  LYS B CB  1 ? 
ATOM   100 C  CG  . LYS B 1 1  ? 3.235  15.706  -6.999 1.000 72.483  0 1  LYS B CG  1 ? 
ATOM   101 C  CD  . LYS B 1 1  ? 3.816  14.849  -8.100 1.000 77.375  0 1  LYS B CD  1 ? 
ATOM   102 C  CE  . LYS B 1 1  ? 2.763  14.129  -8.921 1.000 76.543  0 1  LYS B CE  1 ? 
ATOM   103 N  NZ  . LYS B 1 1  ? 3.365  13.233  -9.940 1.000 76.709  0 1  LYS B NZ  1 ? 
ATOM   104 N  N   . VAL B 1 2  ? 0.410  13.717  -4.289 1.000 64.815  0 2  VAL B N   1 ? 
ATOM   105 C  CA  . VAL B 1 2  ? -0.217 12.607  -3.503 1.000 58.036  0 2  VAL B CA  1 ? 
ATOM   106 C  C   . VAL B 1 2  ? -0.020 11.288  -4.259 1.000 59.253  0 2  VAL B C   1 ? 
ATOM   107 O  O   . VAL B 1 2  ? -0.525 11.171  -5.392 1.000 57.985  0 2  VAL B O   1 ? 
ATOM   108 C  CB  . VAL B 1 2  ? -1.709 12.887  -3.256 1.000 60.199  0 2  VAL B CB  1 ? 
ATOM   109 C  CG1 . VAL B 1 2  ? -2.536 11.615  -3.168 1.000 60.877  0 2  VAL B CG1 1 ? 
ATOM   110 C  CG2 . VAL B 1 2  ? -1.904 13.741  -2.015 1.000 62.401  0 2  VAL B CG2 1 ? 
ATOM   111 N  N   . LYS B 1 3  ? 0.670  10.333  -3.634 1.000 52.498  0 3  LYS B N   1 ? 
ATOM   112 C  CA  . LYS B 1 3  ? 1.025  9.025   -4.235 1.000 49.602  0 3  LYS B CA  1 ? 
ATOM   113 C  C   . LYS B 1 3  ? 0.238  7.943   -3.497 1.000 42.691  0 3  LYS B C   1 ? 
ATOM   114 O  O   . LYS B 1 3  ? 0.312  7.925   -2.270 1.000 50.915  0 3  LYS B O   1 ? 
ATOM   115 C  CB  . LYS B 1 3  ? 2.537  8.802   -4.128 1.000 50.265  0 3  LYS B CB  1 ? 
ATOM   116 C  CG  . LYS B 1 3  ? 3.392  9.748   -4.958 1.000 58.123  0 3  LYS B CG  1 ? 
ATOM   117 C  CD  . LYS B 1 3  ? 3.062  9.735   -6.436 1.000 58.911  0 3  LYS B CD  1 ? 
ATOM   118 C  CE  . LYS B 1 3  ? 4.112  10.424  -7.277 1.000 63.007  0 3  LYS B CE  1 ? 
ATOM   119 N  NZ  . LYS B 1 3  ? 4.023  9.997   -8.688 1.000 69.033  0 3  LYS B NZ  1 ? 
ATOM   120 N  N   . VAL B 1 4  ? -0.463 7.089   -4.235 1.000 37.805  0 4  VAL B N   1 ? 
ATOM   121 C  CA  . VAL B 1 4  ? -1.297 5.977   -3.690 1.000 40.136  0 4  VAL B CA  1 ? 
ATOM   122 C  C   . VAL B 1 4  ? -0.632 4.628   -4.003 1.000 35.275  0 4  VAL B C   1 ? 
ATOM   123 O  O   . VAL B 1 4  ? -0.537 4.160   -5.126 1.000 26.918  0 4  VAL B O   1 ? 
ATOM   124 C  CB  . VAL B 1 4  ? -2.727 6.082   -4.255 1.000 46.631  0 4  VAL B CB  1 ? 
ATOM   125 C  CG1 . VAL B 1 4  ? -3.653 4.970   -3.772 1.000 41.753  0 4  VAL B CG1 1 ? 
ATOM   126 C  CG2 . VAL B 1 4  ? -3.316 7.445   -3.932 1.000 47.294  0 4  VAL B CG2 1 ? 
HETATM 127 C  C   . A8E B 1 5  ? -0.170 1.483   -2.655 1.000 38.007  0 5  A8E B C   1 ? 
HETATM 128 N  N   . A8E B 1 5  ? -0.445 3.892   -3.004 1.000 38.795  0 5  A8E B N   1 ? 
HETATM 129 O  OXT . A8E B 1 5  ? -1.001 1.456   -1.732 1.000 28.300  0 5  A8E B OXT 1 ? 
HETATM 130 BR BR  . A8E B 1 5  ? 3.272  0.853   -2.799 0.300 57.827  0 5  A8E B BR  1 ? 
HETATM 131 C  CA  . A8E B 1 5  ? 0.477  2.788   -3.075 1.000 39.465  0 5  A8E B CA  1 ? 
HETATM 132 C  CB  . A8E B 1 5  ? 1.609  3.115   -2.073 1.000 45.929  0 5  A8E B CB  1 ? 
HETATM 133 C  CG  . A8E B 1 5  ? 2.276  1.884   -1.561 1.000 55.041  0 5  A8E B CG  1 ? 
HETATM 134 C  CD1 . A8E B 1 5  ? 2.125  1.569   -0.285 1.000 55.581  0 5  A8E B CD1 1 ? 
ATOM   135 N  N   . TRP B 1 6  ? 0.205  0.375   -3.275 1.000 47.085  0 6  TRP B N   1 ? 
ATOM   136 C  CA  . TRP B 1 6  ? -0.305 -0.932  -2.845 1.000 45.075  0 6  TRP B CA  1 ? 
ATOM   137 C  C   . TRP B 1 6  ? 0.892  -1.886  -2.806 1.000 48.700  0 6  TRP B C   1 ? 
ATOM   138 O  O   . TRP B 1 6  ? 1.730  -1.831  -3.724 1.000 48.918  0 6  TRP B O   1 ? 
ATOM   139 C  CB  . TRP B 1 6  ? -1.478 -1.432  -3.708 1.000 50.766  0 6  TRP B CB  1 ? 
ATOM   140 C  CG  . TRP B 1 6  ? -1.119 -2.048  -5.026 1.000 59.742  0 6  TRP B CG  1 ? 
ATOM   141 C  CD1 . TRP B 1 6  ? -1.243 -1.465  -6.252 1.000 62.927  0 6  TRP B CD1 1 ? 
ATOM   142 C  CD2 . TRP B 1 6  ? -0.625 -3.379  -5.272 1.000 66.048  0 6  TRP B CD2 1 ? 
ATOM   143 N  NE1 . TRP B 1 6  ? -0.835 -2.326  -7.235 1.000 62.810  0 6  TRP B NE1 1 ? 
ATOM   144 C  CE2 . TRP B 1 6  ? -0.447 -3.504  -6.668 1.000 64.346  0 6  TRP B CE2 1 ? 
ATOM   145 C  CE3 . TRP B 1 6  ? -0.295 -4.469  -4.461 1.000 66.244  0 6  TRP B CE3 1 ? 
ATOM   146 C  CZ2 . TRP B 1 6  ? 0.044  -4.660  -7.268 1.000 60.682  0 6  TRP B CZ2 1 ? 
ATOM   147 C  CZ3 . TRP B 1 6  ? 0.195  -5.612  -5.054 1.000 71.255  0 6  TRP B CZ3 1 ? 
ATOM   148 C  CH2 . TRP B 1 6  ? 0.360  -5.706  -6.437 1.000 64.382  0 6  TRP B CH2 1 ? 
ATOM   149 N  N   . ASP B 1 7  ? 1.022  -2.649  -1.723 1.000 57.049  0 7  ASP B N   1 ? 
ATOM   150 C  CA  . ASP B 1 7  ? 1.929  -3.822  -1.652 1.000 56.689  0 7  ASP B CA  1 ? 
ATOM   151 C  C   . ASP B 1 7  ? 1.133  -4.954  -1.012 1.000 53.966  0 7  ASP B C   1 ? 
ATOM   152 O  O   . ASP B 1 7  ? 0.436  -4.680  -0.030 1.000 58.517  0 7  ASP B O   1 ? 
ATOM   153 C  CB  . ASP B 1 7  ? 3.246  -3.481  -0.945 1.000 66.966  0 7  ASP B CB  1 ? 
ATOM   154 C  CG  . ASP B 1 7  ? 3.133  -2.631  0.313  1.000 69.162  0 7  ASP B CG  1 ? 
ATOM   155 O  OD1 . ASP B 1 7  ? 2.092  -1.965  0.498  1.000 83.839  0 7  ASP B OD1 1 ? 
ATOM   156 O  OD2 . ASP B 1 7  ? 4.099  -2.637  1.101  1.000 75.634  0 7  ASP B OD2 1 ? 
ATOM   157 N  N   . VAL B 1 8  ? 1.178  -6.151  -1.604 1.000 61.138  0 8  VAL B N   1 ? 
ATOM   158 C  CA  . VAL B 1 8  ? 0.648  -7.411  -0.995 1.000 59.134  0 8  VAL B CA  1 ? 
ATOM   159 C  C   . VAL B 1 8  ? 1.747  -8.011  -0.109 1.000 64.980  0 8  VAL B C   1 ? 
ATOM   160 O  O   . VAL B 1 8  ? 2.888  -8.130  -0.591 1.000 65.102  0 8  VAL B O   1 ? 
ATOM   161 C  CB  . VAL B 1 8  ? 0.152  -8.411  -2.062 1.000 57.023  0 8  VAL B CB  1 ? 
ATOM   162 C  CG1 . VAL B 1 8  ? -0.158 -9.770  -1.461 1.000 58.612  0 8  VAL B CG1 1 ? 
ATOM   163 C  CG2 . VAL B 1 8  ? -1.072 -7.887  -2.799 1.000 57.407  0 8  VAL B CG2 1 ? 
ATOM   164 N  N   . ILE B 1 9  ? 1.416  -8.347  1.144  1.000 68.634  0 9  ILE B N   1 ? 
ATOM   165 C  CA  . ILE B 1 9  ? 2.304  -9.101  2.083  1.000 76.399  0 9  ILE B CA  1 ? 
ATOM   166 C  C   . ILE B 1 9  ? 1.779  -10.544 2.152  1.000 67.721  0 9  ILE B C   1 ? 
ATOM   167 O  O   . ILE B 1 9  ? 0.564  -10.697 2.360  1.000 63.249  0 9  ILE B O   1 ? 
ATOM   168 C  CB  . ILE B 1 9  ? 2.371  -8.403  3.466  1.000 78.473  0 9  ILE B CB  1 ? 
ATOM   169 C  CG1 . ILE B 1 9  ? 2.959  -6.986  3.380  1.000 81.492  0 9  ILE B CG1 1 ? 
ATOM   170 C  CG2 . ILE B 1 9  ? 3.126  -9.246  4.482  1.000 80.809  0 9  ILE B CG2 1 ? 
ATOM   171 C  CD1 . ILE B 1 9  ? 4.480  -6.908  3.328  1.000 77.162  0 9  ILE B CD1 1 ? 
ATOM   172 N  N   . GLU B 1 10 ? 2.638  -11.550 1.914  1.000 76.005  0 10 GLU B N   1 ? 
ATOM   173 C  CA  . GLU B 1 10 ? 2.335  -12.983 2.210  1.000 77.064  0 10 GLU B CA  1 ? 
ATOM   174 C  C   . GLU B 1 10 ? 2.487  -13.206 3.720  1.000 70.340  0 10 GLU B C   1 ? 
ATOM   175 O  O   . GLU B 1 10 ? 3.625  -13.249 4.233  1.000 62.918  0 10 GLU B O   1 ? 
ATOM   176 C  CB  . GLU B 1 10 ? 3.185  -13.983 1.416  1.000 84.173  0 10 GLU B CB  1 ? 
ATOM   177 C  CG  . GLU B 1 10 ? 2.784  -15.438 1.687  1.000 86.852  0 10 GLU B CG  1 ? 
ATOM   178 C  CD  . GLU B 1 10 ? 2.898  -16.433 0.536  1.000 81.929  0 10 GLU B CD  1 ? 
ATOM   179 O  OE1 . GLU B 1 10 ? 3.889  -16.345 -0.222 1.000 77.901  0 10 GLU B OE1 1 ? 
ATOM   180 O  OE2 . GLU B 1 10 ? 1.998  -17.308 0.405  1.000 66.023  0 10 GLU B OE2 1 ? 
ATOM   181 N  N   . VAL B 1 11 ? 1.343  -13.370 4.382  1.000 70.085  0 11 VAL B N   1 ? 
ATOM   182 C  CA  . VAL B 1 11 ? 1.153  -13.279 5.857  1.000 66.576  0 11 VAL B CA  1 ? 
ATOM   183 C  C   . VAL B 1 11 ? 1.080  -14.709 6.415  1.000 69.858  0 11 VAL B C   1 ? 
ATOM   184 O  O   . VAL B 1 11 ? 2.116  -15.390 6.512  1.000 67.493  0 11 VAL B O   1 ? 
ATOM   185 C  CB  . VAL B 1 11 ? -0.100 -12.425 6.155  1.000 63.256  0 11 VAL B CB  1 ? 
ATOM   186 C  CG1 . VAL B 1 11 ? -0.571 -12.519 7.597  1.000 65.571  0 11 VAL B CG1 1 ? 
ATOM   187 C  CG2 . VAL B 1 11 ? 0.124  -10.969 5.765  1.000 63.418  0 11 VAL B CG2 1 ? 
ATOM   188 O  OXT . VAL B 1 11 ? 0.011  -15.220 6.764  1.000 61.483  0 11 VAL B OXT 1 ? 
# 
loop_
_pdbx_poly_seq_scheme.asym_id 
_pdbx_poly_seq_scheme.entity_id 
_pdbx_poly_seq_scheme.seq_id 
_pdbx_poly_seq_scheme.mon_id 
_pdbx_poly_seq_scheme.ndb_seq_num 
_pdbx_poly_seq_scheme.pdb_seq_num 
_pdbx_poly_seq_scheme.auth_seq_num 
_pdbx_poly_seq_scheme.pdb_mon_id 
_pdbx_poly_seq_scheme.auth_mon_id 
_pdbx_poly_seq_scheme.pdb_strand_id 
_pdbx_poly_seq_scheme.pdb_ins_code 
_pdbx_poly_seq_scheme.hetero 
A 1 1  LYS 1  1  1  LYS LYS A . n 
A 1 2  VAL 2  2  2  VAL VAL A . n 
A 1 3  LYS 3  3  3  LYS LYS A . n 
A 1 4  VAL 4  4  4  VAL VAL A . n 
A 1 5  A8E 5  5  5  A8E A8E A . n 
A 1 6  TRP 6  6  6  TRP TRP A . n 
A 1 7  ASP 7  7  7  ASP ASP A . n 
A 1 8  VAL 8  8  8  VAL VAL A . n 
A 1 9  ILE 9  9  9  ILE ILE A . n 
A 1 10 GLU 10 10 10 GLU GLU A . n 
A 1 11 VAL 11 11 11 VAL VAL A . n 
B 1 1  LYS 1  1  1  LYS LYS B . n 
B 1 2  VAL 2  2  2  VAL VAL B . n 
B 1 3  LYS 3  3  3  LYS LYS B . n 
B 1 4  VAL 4  4  4  VAL VAL B . n 
B 1 5  A8E 5  5  5  A8E A8E B . n 
B 1 6  TRP 6  6  6  TRP TRP B . n 
B 1 7  ASP 7  7  7  ASP ASP B . n 
B 1 8  VAL 8  8  8  VAL VAL B . n 
B 1 9  ILE 9  9  9  ILE ILE B . n 
B 1 10 GLU 10 10 10 GLU GLU B . n 
B 1 11 VAL 11 11 11 VAL VAL B . n 
# 
_pdbx_contact_author.id                 2 
_pdbx_contact_author.email              tdo5@utk.edu 
_pdbx_contact_author.name_first         Thanh 
_pdbx_contact_author.name_last          Do 
_pdbx_contact_author.name_mi            D. 
_pdbx_contact_author.role               'principal investigator/group leader' 
_pdbx_contact_author.identifier_ORCID   0000-0002-1978-4365 
# 
_pdbx_struct_assembly.id                   1 
_pdbx_struct_assembly.details              author_defined_assembly 
_pdbx_struct_assembly.method_details       ? 
_pdbx_struct_assembly.oligomeric_details   dodecameric 
_pdbx_struct_assembly.oligomeric_count     12 
# 
_pdbx_struct_assembly_gen.assembly_id       1 
_pdbx_struct_assembly_gen.oper_expression   1,2,3,4,5,6 
_pdbx_struct_assembly_gen.asym_id_list      A,B 
# 
loop_
_pdbx_struct_oper_list.id 
_pdbx_struct_oper_list.type 
_pdbx_struct_oper_list.name 
_pdbx_struct_oper_list.symmetry_operation 
_pdbx_struct_oper_list.matrix[1][1] 
_pdbx_struct_oper_list.matrix[1][2] 
_pdbx_struct_oper_list.matrix[1][3] 
_pdbx_struct_oper_list.vector[1] 
_pdbx_struct_oper_list.matrix[2][1] 
_pdbx_struct_oper_list.matrix[2][2] 
_pdbx_struct_oper_list.matrix[2][3] 
_pdbx_struct_oper_list.vector[2] 
_pdbx_struct_oper_list.matrix[3][1] 
_pdbx_struct_oper_list.matrix[3][2] 
_pdbx_struct_oper_list.matrix[3][3] 
_pdbx_struct_oper_list.vector[3] 
1 'identity operation'         1_555 x,y,z         1.0000000000  0.0000000000  0.0000000000  0.0000000000   0.0000000000  1.0000000000  0.0000000000  0.0000000000  0.0000000000  0.0000000000  1.0000000000 0.0000000000   
2 'crystal symmetry operation' 2_554 -y,x-y,z-2/3  -0.0545918366 0.5079600608  -0.8596489447 -20.9752971003 -0.8875462910 -0.4191271523 -0.1912956129 -4.4894534463 -0.4574727453 0.7525350536  0.4737189889 7.7107969271   
3 'crystal symmetry operation' 3_554 -x+y,-x,z-1/3 -0.0545918366 -0.8875462910 -0.4574727453 -15.1707284511 0.5079600608  -0.4191271523 0.7525350536  8.7520101426  -0.8596489447 -0.1912956129 0.4737189889 -2.4811260893  
4 'crystal symmetry operation' 4_555 -x,-y,z       -0.4061224487 -0.2530574868 -0.8780811267 -15.0516636047 -0.2530574868 -0.8921695365 0.3741596271  -1.0127580490 -0.8780811267 0.3741596271  0.2982919852 -9.8881058410  
5 'crystal symmetry operation' 5_555 y,-x+y,z+1/3  0.6484693878  -0.7610175476 -0.0184321820 1.4007901142   0.6344888042  0.5269576159  0.5654552400  5.4039266539  -0.4206083813 -0.3783754264 0.8245729963 -10.9116262350 
6 'crystal symmetry operation' 6_554 x-y,x,z-1/3   0.6484693878  0.6344888042  -0.4206083813 -8.9266219165  -0.7610175476 0.5269576159  -0.3783754264 -5.9103056784 -0.0184321820 0.5654552400  0.8245729963 5.9675733145  
# 
loop_
_pdbx_audit_revision_history.ordinal 
_pdbx_audit_revision_history.data_content_type 
_pdbx_audit_revision_history.major_revision 
_pdbx_audit_revision_history.minor_revision 
_pdbx_audit_revision_history.revision_date 
1 'Structure model' 1 0 2022-02-16 
2 'Structure model' 1 1 2022-03-02 
# 
_pdbx_audit_revision_details.ordinal             1 
_pdbx_audit_revision_details.revision_ordinal    1 
_pdbx_audit_revision_details.data_content_type   'Structure model' 
_pdbx_audit_revision_details.provider            repository 
_pdbx_audit_revision_details.type                'Initial release' 
_pdbx_audit_revision_details.description         ? 
_pdbx_audit_revision_details.details             ? 
# 
_pdbx_audit_revision_group.ordinal             1 
_pdbx_audit_revision_group.revision_ordinal    2 
_pdbx_audit_revision_group.data_content_type   'Structure model' 
_pdbx_audit_revision_group.group               'Database references' 
# 
_pdbx_audit_revision_category.ordinal             1 
_pdbx_audit_revision_category.revision_ordinal    2 
_pdbx_audit_revision_category.data_content_type   'Structure model' 
_pdbx_audit_revision_category.category            citation 
# 
loop_
_pdbx_audit_revision_item.ordinal 
_pdbx_audit_revision_item.revision_ordinal 
_pdbx_audit_revision_item.data_content_type 
_pdbx_audit_revision_item.item 
1 2 'Structure model' '_citation.journal_volume' 
2 2 'Structure model' '_citation.page_first'     
3 2 'Structure model' '_citation.page_last'      
4 2 'Structure model' '_citation.year'           
# 
_phasing.method   MAD 
# 
loop_
_software.citation_id 
_software.classification 
_software.compiler_name 
_software.compiler_version 
_software.contact_author 
_software.contact_author_email 
_software.date 
_software.description 
_software.dependencies 
_software.hardware 
_software.language 
_software.location 
_software.mods 
_software.name 
_software.os 
_software.os_version 
_software.type 
_software.version 
_software.pdbx_ordinal 
? refinement        ? ? ? ? ? ? ? ? ? ? ? REFMAC      ? ? ? 5.8.0267 1 
? 'data reduction'  ? ? ? ? ? ? ? ? ? ? ? XDS         ? ? ? 20200131 2 
? 'data scaling'    ? ? ? ? ? ? ? ? ? ? ? SCALEPACK   ? ? ? 20200131 3 
? phasing           ? ? ? ? ? ? ? ? ? ? ? MLPHARE     ? ? ? 7.1.004  4 
? phasing           ? ? ? ? ? ? ? ? ? ? ? DM          ? ? ? 7.1.004  5 
? 'data extraction' ? ? ? ? ? ? ? ? ? ? ? PDB_EXTRACT ? ? ? 3.27     6 
# 
_pdbx_entry_details.entry_id                 7ROL 
_pdbx_entry_details.nonpolymer_details       ? 
_pdbx_entry_details.sequence_details         ? 
_pdbx_entry_details.compound_details         ? 
_pdbx_entry_details.source_details           ? 
_pdbx_entry_details.has_ligand_of_interest   N 
# 
_pdbx_validate_main_chain_plane.id                       1 
_pdbx_validate_main_chain_plane.PDB_model_num            1 
_pdbx_validate_main_chain_plane.auth_comp_id             VAL 
_pdbx_validate_main_chain_plane.auth_asym_id             A 
_pdbx_validate_main_chain_plane.auth_seq_id              4 
_pdbx_validate_main_chain_plane.PDB_ins_code             ? 
_pdbx_validate_main_chain_plane.label_alt_id             ? 
_pdbx_validate_main_chain_plane.improper_torsion_angle   12.13 
# 
_pdbx_audit_support.funding_organization   'Howard Hughes Medical Institute (HHMI)' 
_pdbx_audit_support.country                'United States' 
_pdbx_audit_support.grant_number           ? 
_pdbx_audit_support.ordinal                1 
# 
loop_
_pdbx_reflns_twin.domain_id 
_pdbx_reflns_twin.operator 
_pdbx_reflns_twin.fraction 
_pdbx_reflns_twin.type 
_pdbx_reflns_twin.crystal_id 
_pdbx_reflns_twin.diffrn_id 
1 'H,  K,  L'  0.5155 pseudo-merohedral 1 1 
2 '-K, -H, -L' 0.4845 pseudo-merohedral 2 2 
# 
_pdbx_struct_assembly_auth_evidence.id                     1 
_pdbx_struct_assembly_auth_evidence.assembly_id            1 
_pdbx_struct_assembly_auth_evidence.experimental_support   'mass spectrometry' 
_pdbx_struct_assembly_auth_evidence.details                ? 
# 
